data_6RO5
#
_entry.id   6RO5
#
_cell.length_a   37.880
_cell.length_b   78.650
_cell.length_c   80.670
_cell.angle_alpha   90.00
_cell.angle_beta   90.00
_cell.angle_gamma   90.00
#
_symmetry.space_group_name_H-M   'P 21 21 21'
#
loop_
_entity.id
_entity.type
_entity.pdbx_description
1 polymer 'Lysozyme C'
2 non-polymer RHENIUM
3 non-polymer 'CHLORIDE ION'
4 non-polymer 'SODIUM ION'
5 non-polymer 'ACETATE ION'
6 non-polymer [Re4(mu3-OH)4(CO)12]
7 non-polymer 'fac-tricarbonyl-triaqua rhenium(I)'
8 water water
#
_entity_poly.entity_id   1
_entity_poly.type   'polypeptide(L)'
_entity_poly.pdbx_seq_one_letter_code
;KVFGRCELAAAMKRHGLDNYRGYSLGNWVCAAKFESNFNTQATNRNTDGSTDYGILQINSRWWCNDGRTPGSRNLCNIPC
SALLSSDITASVNCAKKIVSDGNGMNAWVAWRNRCKGTDVQAWIRGCRL
;
_entity_poly.pdbx_strand_id   A,B
#
loop_
_chem_comp.id
_chem_comp.type
_chem_comp.name
_chem_comp.formula
ACT non-polymer 'ACETATE ION' 'C2 H3 O2 -1'
CL non-polymer 'CHLORIDE ION' 'Cl -1'
NA non-polymer 'SODIUM ION' 'Na 1'
QEB non-polymer [Re4(mu3-OH)4(CO)12] 'O4 Re4'
RE non-polymer RHENIUM Re
RRE non-polymer 'fac-tricarbonyl-triaqua rhenium(I)' 'C3 O6 Re 1'
#
# COMPACT_ATOMS: atom_id res chain seq x y z
N LYS A 1 -7.41 19.17 -18.24
CA LYS A 1 -8.59 18.33 -18.39
C LYS A 1 -9.22 17.96 -17.03
N VAL A 2 -10.54 18.12 -16.94
CA VAL A 2 -11.31 17.68 -15.78
C VAL A 2 -11.88 16.30 -16.11
N PHE A 3 -11.36 15.28 -15.44
CA PHE A 3 -11.83 13.91 -15.64
C PHE A 3 -13.18 13.68 -14.97
N GLY A 4 -13.96 12.77 -15.55
CA GLY A 4 -15.07 12.19 -14.84
C GLY A 4 -14.63 11.05 -13.94
N ARG A 5 -15.44 10.78 -12.92
CA ARG A 5 -15.11 9.76 -11.93
C ARG A 5 -14.65 8.46 -12.58
N CYS A 6 -15.52 7.83 -13.36
CA CYS A 6 -15.18 6.53 -13.94
C CYS A 6 -14.15 6.68 -15.05
N GLU A 7 -14.15 7.80 -15.77
CA GLU A 7 -13.12 8.03 -16.78
C GLU A 7 -11.73 8.04 -16.16
N LEU A 8 -11.58 8.68 -15.00
CA LEU A 8 -10.27 8.71 -14.34
C LEU A 8 -9.89 7.32 -13.85
N ALA A 9 -10.82 6.61 -13.20
CA ALA A 9 -10.53 5.27 -12.71
C ALA A 9 -10.01 4.37 -13.82
N ALA A 10 -10.70 4.37 -14.97
CA ALA A 10 -10.25 3.58 -16.10
C ALA A 10 -8.84 3.97 -16.54
N ALA A 11 -8.57 5.28 -16.59
CA ALA A 11 -7.24 5.74 -16.98
C ALA A 11 -6.19 5.31 -15.97
N MET A 12 -6.48 5.49 -14.68
CA MET A 12 -5.53 5.07 -13.64
C MET A 12 -5.27 3.57 -13.73
N LYS A 13 -6.33 2.78 -13.95
CA LYS A 13 -6.17 1.34 -14.06
C LYS A 13 -5.36 0.98 -15.30
N ARG A 14 -5.62 1.67 -16.43
CA ARG A 14 -4.84 1.43 -17.64
C ARG A 14 -3.37 1.75 -17.42
N HIS A 15 -3.06 2.66 -16.49
CA HIS A 15 -1.69 3.10 -16.26
C HIS A 15 -1.01 2.35 -15.12
N GLY A 16 -1.63 1.28 -14.62
CA GLY A 16 -0.97 0.39 -13.69
C GLY A 16 -1.14 0.72 -12.23
N LEU A 17 -2.07 1.60 -11.87
CA LEU A 17 -2.24 2.01 -10.49
C LEU A 17 -3.08 1.05 -9.65
N ASP A 18 -3.90 0.21 -10.28
CA ASP A 18 -4.80 -0.67 -9.53
C ASP A 18 -3.98 -1.68 -8.73
N ASN A 19 -4.04 -1.57 -7.41
CA ASN A 19 -3.29 -2.42 -6.50
C ASN A 19 -1.80 -2.19 -6.59
N TYR A 20 -1.38 -1.06 -7.16
CA TYR A 20 0.04 -0.73 -7.14
C TYR A 20 0.48 -0.55 -5.69
N ARG A 21 1.52 -1.27 -5.31
CA ARG A 21 1.97 -1.28 -3.91
C ARG A 21 0.85 -1.66 -2.96
N GLY A 22 -0.11 -2.42 -3.46
CA GLY A 22 -1.20 -2.93 -2.65
C GLY A 22 -2.32 -1.96 -2.36
N TYR A 23 -2.41 -0.85 -3.11
CA TYR A 23 -3.47 0.15 -2.93
C TYR A 23 -4.50 -0.04 -4.04
N SER A 24 -5.70 -0.46 -3.65
CA SER A 24 -6.74 -0.69 -4.64
C SER A 24 -7.08 0.60 -5.37
N LEU A 25 -7.73 0.44 -6.52
CA LEU A 25 -7.97 1.56 -7.43
C LEU A 25 -8.74 2.68 -6.75
N GLY A 26 -9.69 2.33 -5.88
CA GLY A 26 -10.50 3.34 -5.23
C GLY A 26 -9.70 4.31 -4.38
N ASN A 27 -8.59 3.85 -3.80
CA ASN A 27 -7.73 4.75 -3.04
C ASN A 27 -7.25 5.89 -3.92
N TRP A 28 -6.84 5.56 -5.15
CA TRP A 28 -6.29 6.57 -6.05
C TRP A 28 -7.38 7.50 -6.57
N VAL A 29 -8.57 6.97 -6.80
CA VAL A 29 -9.68 7.81 -7.25
C VAL A 29 -10.10 8.76 -6.13
N CYS A 30 -10.25 8.22 -4.92
CA CYS A 30 -10.60 9.05 -3.76
C CYS A 30 -9.58 10.17 -3.56
N ALA A 31 -8.29 9.83 -3.56
CA ALA A 31 -7.27 10.84 -3.34
C ALA A 31 -7.36 11.94 -4.40
N ALA A 32 -7.49 11.55 -5.66
CA ALA A 32 -7.53 12.54 -6.74
C ALA A 32 -8.73 13.48 -6.59
N LYS A 33 -9.89 12.95 -6.17
CA LYS A 33 -11.06 13.80 -5.98
C LYS A 33 -10.78 14.92 -4.99
N PHE A 34 -10.22 14.58 -3.84
CA PHE A 34 -9.99 15.57 -2.79
C PHE A 34 -8.73 16.40 -3.03
N GLU A 35 -7.77 15.88 -3.79
CA GLU A 35 -6.57 16.64 -4.09
C GLU A 35 -6.82 17.66 -5.19
N SER A 36 -7.42 17.23 -6.30
CA SER A 36 -7.50 18.07 -7.50
C SER A 36 -8.90 18.29 -8.01
N ASN A 37 -9.90 17.64 -7.44
CA ASN A 37 -11.24 17.66 -8.00
C ASN A 37 -11.26 17.06 -9.41
N PHE A 38 -10.39 16.07 -9.65
CA PHE A 38 -10.28 15.39 -10.94
C PHE A 38 -9.79 16.30 -12.05
N ASN A 39 -9.19 17.45 -11.70
CA ASN A 39 -8.76 18.45 -12.68
C ASN A 39 -7.25 18.34 -12.85
N THR A 40 -6.81 17.93 -14.03
CA THR A 40 -5.38 17.78 -14.30
C THR A 40 -4.62 19.10 -14.18
N GLN A 41 -5.31 20.24 -14.30
CA GLN A 41 -4.63 21.54 -14.29
C GLN A 41 -4.60 22.17 -12.91
N ALA A 42 -4.89 21.41 -11.85
CA ALA A 42 -4.91 21.99 -10.51
C ALA A 42 -3.51 22.34 -10.05
N THR A 43 -3.38 23.51 -9.44
CA THR A 43 -2.14 23.94 -8.80
C THR A 43 -2.47 24.61 -7.48
N ASN A 44 -1.61 24.41 -6.49
CA ASN A 44 -1.77 25.06 -5.20
C ASN A 44 -0.39 25.30 -4.60
N ARG A 45 -0.14 26.54 -4.17
CA ARG A 45 1.14 26.89 -3.56
C ARG A 45 1.13 26.48 -2.10
N ASN A 46 2.20 25.83 -1.66
CA ASN A 46 2.35 25.44 -0.27
C ASN A 46 2.99 26.57 0.53
N THR A 47 2.92 26.45 1.86
CA THR A 47 3.47 27.50 2.72
C THR A 47 4.98 27.63 2.55
N ASP A 48 5.67 26.54 2.24
CA ASP A 48 7.12 26.55 2.13
C ASP A 48 7.63 27.11 0.82
N GLY A 49 6.75 27.62 -0.05
CA GLY A 49 7.15 28.12 -1.35
C GLY A 49 7.07 27.11 -2.47
N SER A 50 6.95 25.82 -2.15
CA SER A 50 6.74 24.81 -3.17
C SER A 50 5.30 24.88 -3.70
N THR A 51 5.02 24.06 -4.72
CA THR A 51 3.71 24.05 -5.36
C THR A 51 3.30 22.61 -5.66
N ASP A 52 2.02 22.31 -5.50
CA ASP A 52 1.47 21.02 -5.87
C ASP A 52 0.85 21.11 -7.26
N TYR A 53 1.04 20.04 -8.05
CA TYR A 53 0.66 20.06 -9.47
C TYR A 53 -0.17 18.85 -9.84
N GLY A 54 -1.30 19.09 -10.49
CA GLY A 54 -1.96 18.03 -11.23
C GLY A 54 -3.04 17.28 -10.48
N ILE A 55 -3.47 16.20 -11.14
N ILE A 55 -3.48 16.19 -11.12
CA ILE A 55 -4.55 15.37 -10.64
CA ILE A 55 -4.60 15.43 -10.59
C ILE A 55 -4.25 14.84 -9.23
C ILE A 55 -4.26 14.75 -9.26
N LEU A 56 -2.98 14.57 -8.95
CA LEU A 56 -2.58 14.04 -7.65
C LEU A 56 -1.78 15.04 -6.83
N GLN A 57 -1.72 16.30 -7.27
CA GLN A 57 -1.12 17.38 -6.50
C GLN A 57 0.26 17.00 -5.99
N ILE A 58 1.13 16.66 -6.95
CA ILE A 58 2.49 16.24 -6.66
C ILE A 58 3.37 17.46 -6.41
N ASN A 59 4.23 17.38 -5.41
CA ASN A 59 4.88 18.55 -4.83
C ASN A 59 6.26 18.79 -5.42
N SER A 60 6.56 20.07 -5.70
CA SER A 60 7.86 20.45 -6.27
C SER A 60 8.98 20.42 -5.24
N ARG A 61 8.67 20.26 -3.96
CA ARG A 61 9.73 20.18 -2.96
C ARG A 61 10.62 18.98 -3.20
N TRP A 62 10.04 17.87 -3.63
CA TRP A 62 10.75 16.61 -3.82
C TRP A 62 10.73 16.09 -5.24
N TRP A 63 9.61 16.26 -5.95
CA TRP A 63 9.26 15.33 -7.01
C TRP A 63 9.41 15.87 -8.41
N CYS A 64 9.18 17.16 -8.62
CA CYS A 64 9.28 17.74 -9.95
C CYS A 64 10.00 19.08 -9.85
N ASN A 65 10.34 19.63 -11.02
CA ASN A 65 11.07 20.88 -11.11
C ASN A 65 10.17 21.94 -11.71
N ASP A 66 10.03 23.07 -11.01
CA ASP A 66 9.30 24.22 -11.53
C ASP A 66 10.13 25.49 -11.52
N GLY A 67 11.44 25.40 -11.34
CA GLY A 67 12.31 26.56 -11.42
C GLY A 67 12.01 27.65 -10.41
N ARG A 68 11.31 27.33 -9.32
N ARG A 68 11.32 27.28 -9.32
CA ARG A 68 11.07 28.36 -8.31
CA ARG A 68 10.74 28.21 -8.38
C ARG A 68 10.91 27.75 -6.93
C ARG A 68 10.91 27.75 -6.94
N THR A 69 11.56 26.61 -6.69
CA THR A 69 11.59 25.95 -5.39
C THR A 69 13.06 25.67 -5.07
N PRO A 70 13.82 26.70 -4.69
CA PRO A 70 15.25 26.50 -4.43
C PRO A 70 15.48 25.49 -3.32
N GLY A 71 16.60 24.78 -3.40
CA GLY A 71 16.89 23.77 -2.40
C GLY A 71 15.94 22.59 -2.42
N SER A 72 15.19 22.43 -3.50
CA SER A 72 14.33 21.27 -3.69
C SER A 72 15.01 20.25 -4.59
N ARG A 73 14.42 19.09 -4.68
CA ARG A 73 14.89 18.01 -5.55
C ARG A 73 13.84 17.71 -6.60
N ASN A 74 14.19 16.81 -7.53
CA ASN A 74 13.34 16.49 -8.67
C ASN A 74 13.38 14.98 -8.90
N LEU A 75 12.92 14.23 -7.90
CA LEU A 75 13.11 12.78 -7.89
C LEU A 75 12.40 12.10 -9.06
N CYS A 76 11.31 12.69 -9.55
CA CYS A 76 10.67 12.12 -10.73
C CYS A 76 11.32 12.57 -12.03
N ASN A 77 12.27 13.50 -11.96
CA ASN A 77 13.01 13.97 -13.14
C ASN A 77 12.06 14.45 -14.23
N ILE A 78 11.17 15.36 -13.87
CA ILE A 78 10.22 15.91 -14.83
C ILE A 78 9.92 17.35 -14.48
N PRO A 79 9.66 18.20 -15.46
CA PRO A 79 9.08 19.51 -15.15
C PRO A 79 7.70 19.33 -14.53
N CYS A 80 7.43 20.13 -13.50
CA CYS A 80 6.13 20.05 -12.84
C CYS A 80 4.98 20.27 -13.83
N SER A 81 5.26 20.95 -14.94
CA SER A 81 4.19 21.24 -15.90
C SER A 81 3.71 19.98 -16.61
N ALA A 82 4.58 18.98 -16.76
CA ALA A 82 4.15 17.72 -17.37
C ALA A 82 3.05 17.04 -16.56
N LEU A 83 2.94 17.37 -15.27
CA LEU A 83 1.93 16.83 -14.38
C LEU A 83 0.56 17.50 -14.57
N LEU A 84 0.46 18.51 -15.44
CA LEU A 84 -0.81 19.16 -15.72
C LEU A 84 -1.39 18.75 -17.07
N SER A 85 -0.72 17.88 -17.80
CA SER A 85 -1.20 17.46 -19.11
C SER A 85 -2.53 16.73 -19.00
N SER A 86 -3.27 16.72 -20.10
CA SER A 86 -4.45 15.86 -20.18
C SER A 86 -4.07 14.38 -20.13
N ASP A 87 -2.85 14.06 -20.57
CA ASP A 87 -2.34 12.69 -20.48
C ASP A 87 -1.74 12.50 -19.09
N ILE A 88 -2.25 11.51 -18.35
CA ILE A 88 -1.91 11.38 -16.94
C ILE A 88 -0.67 10.52 -16.75
N THR A 89 0.01 10.20 -17.85
CA THR A 89 1.18 9.33 -17.75
C THR A 89 2.21 9.90 -16.78
N ALA A 90 2.54 11.19 -16.93
CA ALA A 90 3.57 11.79 -16.09
C ALA A 90 3.18 11.71 -14.62
N SER A 91 1.92 12.00 -14.31
CA SER A 91 1.49 11.98 -12.91
C SER A 91 1.48 10.54 -12.36
N VAL A 92 1.03 9.57 -13.16
CA VAL A 92 0.99 8.19 -12.67
C VAL A 92 2.39 7.68 -12.39
N ASN A 93 3.31 7.85 -13.34
CA ASN A 93 4.67 7.38 -13.15
C ASN A 93 5.30 8.00 -11.90
N CYS A 94 5.05 9.29 -11.67
CA CYS A 94 5.60 9.95 -10.49
C CYS A 94 4.89 9.48 -9.23
N ALA A 95 3.57 9.31 -9.28
CA ALA A 95 2.85 8.78 -8.13
C ALA A 95 3.35 7.39 -7.77
N LYS A 96 3.66 6.57 -8.78
CA LYS A 96 4.21 5.24 -8.48
C LYS A 96 5.50 5.35 -7.68
N LYS A 97 6.35 6.32 -8.03
CA LYS A 97 7.61 6.49 -7.30
C LYS A 97 7.35 7.01 -5.88
N ILE A 98 6.38 7.90 -5.71
CA ILE A 98 6.07 8.43 -4.38
C ILE A 98 5.56 7.34 -3.47
N VAL A 99 4.61 6.54 -3.96
CA VAL A 99 3.95 5.55 -3.11
C VAL A 99 4.86 4.40 -2.75
N SER A 100 6.01 4.27 -3.41
CA SER A 100 6.96 3.22 -3.12
C SER A 100 8.06 3.64 -2.13
N ASP A 101 8.11 4.93 -1.76
CA ASP A 101 9.21 5.43 -0.96
C ASP A 101 9.11 5.07 0.52
N GLY A 102 8.18 4.19 0.90
CA GLY A 102 8.08 3.68 2.25
C GLY A 102 6.92 4.25 3.05
N ASN A 103 6.35 5.39 2.66
CA ASN A 103 5.22 5.98 3.34
C ASN A 103 3.89 5.67 2.67
N GLY A 104 3.88 4.90 1.59
CA GLY A 104 2.63 4.55 0.95
C GLY A 104 1.88 5.80 0.54
N MET A 105 0.56 5.71 0.59
CA MET A 105 -0.27 6.84 0.19
C MET A 105 -0.41 7.89 1.29
N ASN A 106 0.28 7.74 2.42
CA ASN A 106 0.26 8.79 3.43
C ASN A 106 0.92 10.06 2.94
N ALA A 107 1.74 9.98 1.88
CA ALA A 107 2.28 11.17 1.25
C ALA A 107 1.20 12.16 0.86
N TRP A 108 -0.01 11.68 0.61
CA TRP A 108 -1.14 12.52 0.21
C TRP A 108 -1.97 12.84 1.45
N VAL A 109 -1.97 14.11 1.84
CA VAL A 109 -2.68 14.53 3.04
C VAL A 109 -4.17 14.26 2.91
N ALA A 110 -4.74 14.53 1.74
CA ALA A 110 -6.17 14.30 1.56
C ALA A 110 -6.51 12.81 1.72
N TRP A 111 -5.70 11.93 1.14
CA TRP A 111 -5.91 10.50 1.33
C TRP A 111 -5.83 10.12 2.80
N ARG A 112 -4.79 10.59 3.50
CA ARG A 112 -4.61 10.25 4.91
C ARG A 112 -5.83 10.62 5.75
N ASN A 113 -6.46 11.76 5.43
CA ASN A 113 -7.51 12.30 6.27
C ASN A 113 -8.92 11.97 5.81
N ARG A 114 -9.11 11.60 4.55
CA ARG A 114 -10.45 11.43 4.01
C ARG A 114 -10.67 10.14 3.23
N CYS A 115 -9.63 9.37 2.94
CA CYS A 115 -9.74 8.11 2.22
C CYS A 115 -9.27 6.92 3.04
N LYS A 116 -8.10 7.04 3.67
CA LYS A 116 -7.56 6.01 4.54
C LYS A 116 -8.62 5.52 5.52
N GLY A 117 -8.87 4.22 5.53
CA GLY A 117 -9.79 3.61 6.47
C GLY A 117 -11.25 3.59 6.04
N THR A 118 -11.60 4.28 4.97
CA THR A 118 -12.97 4.31 4.50
C THR A 118 -13.18 3.20 3.48
N ASP A 119 -14.43 3.06 3.01
CA ASP A 119 -14.78 2.12 1.95
C ASP A 119 -14.45 2.78 0.61
N VAL A 120 -13.16 2.75 0.27
CA VAL A 120 -12.69 3.42 -0.94
C VAL A 120 -13.22 2.76 -2.22
N GLN A 121 -13.70 1.51 -2.13
CA GLN A 121 -14.25 0.87 -3.31
C GLN A 121 -15.51 1.57 -3.81
N ALA A 122 -16.21 2.29 -2.94
CA ALA A 122 -17.37 3.05 -3.37
C ALA A 122 -17.01 4.10 -4.43
N TRP A 123 -15.73 4.46 -4.52
CA TRP A 123 -15.31 5.45 -5.51
C TRP A 123 -15.24 4.89 -6.92
N ILE A 124 -15.33 3.56 -7.08
CA ILE A 124 -15.30 2.93 -8.39
C ILE A 124 -16.54 2.11 -8.68
N ARG A 125 -17.52 2.11 -7.79
CA ARG A 125 -18.77 1.41 -8.06
C ARG A 125 -19.46 2.00 -9.29
N GLY A 126 -20.08 1.12 -10.08
CA GLY A 126 -20.73 1.52 -11.31
C GLY A 126 -19.82 1.61 -12.51
N CYS A 127 -18.53 1.85 -12.30
CA CYS A 127 -17.60 1.96 -13.43
C CYS A 127 -17.43 0.62 -14.12
N ARG A 128 -17.45 0.63 -15.45
CA ARG A 128 -17.26 -0.58 -16.24
C ARG A 128 -15.76 -0.83 -16.39
N LEU A 129 -15.19 -1.46 -15.37
CA LEU A 129 -13.75 -1.68 -15.34
C LEU A 129 -13.39 -3.14 -15.66
N LYS B 1 -6.07 -20.19 -0.87
CA LYS B 1 -7.34 -19.96 -0.19
C LYS B 1 -7.54 -18.47 0.10
N VAL B 2 -8.74 -17.96 -0.17
CA VAL B 2 -9.10 -16.59 0.13
C VAL B 2 -9.96 -16.61 1.39
N PHE B 3 -9.38 -16.21 2.51
CA PHE B 3 -10.12 -16.17 3.77
C PHE B 3 -11.13 -15.04 3.80
N GLY B 4 -12.26 -15.28 4.47
CA GLY B 4 -13.11 -14.20 4.88
C GLY B 4 -12.49 -13.42 6.03
N ARG B 5 -12.96 -12.19 6.21
CA ARG B 5 -12.40 -11.32 7.24
C ARG B 5 -12.53 -11.95 8.63
N CYS B 6 -13.76 -12.30 9.02
CA CYS B 6 -13.94 -12.91 10.33
C CYS B 6 -13.36 -14.32 10.39
N GLU B 7 -13.34 -15.02 9.25
CA GLU B 7 -12.77 -16.37 9.24
C GLU B 7 -11.29 -16.34 9.57
N LEU B 8 -10.56 -15.37 9.03
CA LEU B 8 -9.14 -15.26 9.33
C LEU B 8 -8.92 -14.77 10.77
N ALA B 9 -9.71 -13.79 11.20
CA ALA B 9 -9.62 -13.35 12.59
C ALA B 9 -9.77 -14.51 13.54
N ALA B 10 -10.75 -15.39 13.30
CA ALA B 10 -10.92 -16.58 14.12
C ALA B 10 -9.69 -17.49 14.04
N ALA B 11 -9.20 -17.74 12.82
CA ALA B 11 -8.05 -18.63 12.65
C ALA B 11 -6.82 -18.07 13.36
N MET B 12 -6.56 -16.78 13.17
CA MET B 12 -5.41 -16.17 13.84
C MET B 12 -5.54 -16.25 15.36
N LYS B 13 -6.76 -16.05 15.87
CA LYS B 13 -6.99 -16.21 17.30
C LYS B 13 -6.63 -17.63 17.75
N ARG B 14 -7.17 -18.63 17.05
CA ARG B 14 -6.85 -20.02 17.38
C ARG B 14 -5.35 -20.25 17.36
N HIS B 15 -4.64 -19.58 16.45
CA HIS B 15 -3.19 -19.75 16.36
C HIS B 15 -2.43 -18.83 17.30
N GLY B 16 -3.11 -18.04 18.12
CA GLY B 16 -2.46 -17.32 19.20
C GLY B 16 -1.85 -15.99 18.84
N LEU B 17 -2.48 -15.24 17.94
CA LEU B 17 -1.97 -13.92 17.57
C LEU B 17 -2.67 -12.78 18.31
N ASP B 18 -3.75 -13.05 19.04
CA ASP B 18 -4.44 -11.96 19.75
C ASP B 18 -3.54 -11.48 20.88
N ASN B 19 -3.00 -10.27 20.74
CA ASN B 19 -2.11 -9.66 21.73
C ASN B 19 -0.76 -10.39 21.82
N TYR B 20 -0.36 -11.07 20.76
CA TYR B 20 0.98 -11.64 20.70
C TYR B 20 2.00 -10.50 20.65
N ARG B 21 2.88 -10.44 21.64
N ARG B 21 2.89 -10.48 21.63
CA ARG B 21 3.87 -9.37 21.72
CA ARG B 21 3.86 -9.39 21.81
C ARG B 21 3.22 -8.00 21.88
C ARG B 21 3.17 -8.03 21.78
N GLY B 22 2.00 -7.97 22.42
CA GLY B 22 1.29 -6.73 22.61
C GLY B 22 0.49 -6.25 21.40
N TYR B 23 0.35 -7.08 20.37
CA TYR B 23 -0.36 -6.71 19.15
C TYR B 23 -1.74 -7.34 19.16
N SER B 24 -2.77 -6.53 19.34
CA SER B 24 -4.14 -7.05 19.37
C SER B 24 -4.54 -7.60 18.01
N LEU B 25 -5.49 -8.53 18.04
CA LEU B 25 -5.84 -9.31 16.86
C LEU B 25 -6.08 -8.44 15.64
N GLY B 26 -6.74 -7.29 15.81
CA GLY B 26 -7.06 -6.45 14.66
C GLY B 26 -5.84 -6.04 13.87
N ASN B 27 -4.67 -5.97 14.51
CA ASN B 27 -3.44 -5.61 13.80
C ASN B 27 -3.08 -6.65 12.76
N TRP B 28 -3.24 -7.94 13.10
CA TRP B 28 -2.88 -9.01 12.18
C TRP B 28 -3.87 -9.15 11.04
N VAL B 29 -5.16 -8.98 11.35
CA VAL B 29 -6.17 -9.01 10.30
C VAL B 29 -5.98 -7.83 9.36
N CYS B 30 -5.74 -6.65 9.92
CA CYS B 30 -5.50 -5.47 9.10
C CYS B 30 -4.31 -5.69 8.18
N ALA B 31 -3.19 -6.19 8.72
CA ALA B 31 -2.01 -6.38 7.90
C ALA B 31 -2.27 -7.40 6.78
N ALA B 32 -2.91 -8.52 7.10
CA ALA B 32 -3.20 -9.52 6.08
C ALA B 32 -4.08 -8.93 4.97
N LYS B 33 -5.08 -8.13 5.34
CA LYS B 33 -5.94 -7.51 4.34
C LYS B 33 -5.12 -6.74 3.32
N PHE B 34 -4.25 -5.83 3.80
CA PHE B 34 -3.52 -4.96 2.89
C PHE B 34 -2.29 -5.61 2.30
N GLU B 35 -1.74 -6.65 2.95
CA GLU B 35 -0.60 -7.36 2.39
C GLU B 35 -1.03 -8.30 1.25
N SER B 36 -2.11 -9.04 1.46
CA SER B 36 -2.49 -10.11 0.54
C SER B 36 -3.95 -10.10 0.14
N ASN B 37 -4.78 -9.22 0.68
CA ASN B 37 -6.22 -9.29 0.46
C ASN B 37 -6.78 -10.63 0.95
N PHE B 38 -6.21 -11.14 2.06
CA PHE B 38 -6.61 -12.40 2.69
C PHE B 38 -6.36 -13.63 1.83
N ASN B 39 -5.51 -13.55 0.81
CA ASN B 39 -5.27 -14.65 -0.11
C ASN B 39 -3.95 -15.34 0.25
N THR B 40 -4.03 -16.63 0.62
CA THR B 40 -2.82 -17.35 1.02
C THR B 40 -1.87 -17.58 -0.15
N GLN B 41 -2.38 -17.56 -1.38
CA GLN B 41 -1.57 -17.82 -2.56
C GLN B 41 -0.93 -16.57 -3.14
N ALA B 42 -0.97 -15.45 -2.42
CA ALA B 42 -0.40 -14.21 -2.93
C ALA B 42 1.12 -14.29 -2.98
N THR B 43 1.67 -13.84 -4.10
CA THR B 43 3.11 -13.63 -4.25
C THR B 43 3.35 -12.27 -4.89
N ASN B 44 4.45 -11.62 -4.52
N ASN B 44 4.47 -11.65 -4.54
CA ASN B 44 4.81 -10.33 -5.11
CA ASN B 44 4.83 -10.34 -5.08
C ASN B 44 6.33 -10.26 -5.23
C ASN B 44 6.33 -10.27 -5.22
N ARG B 45 6.79 -10.04 -6.45
CA ARG B 45 8.22 -9.91 -6.75
C ARG B 45 8.71 -8.53 -6.36
N ASN B 46 9.81 -8.48 -5.61
CA ASN B 46 10.43 -7.22 -5.25
C ASN B 46 11.52 -6.86 -6.26
N THR B 47 11.83 -5.56 -6.32
CA THR B 47 12.81 -5.09 -7.29
C THR B 47 14.21 -5.61 -7.00
N ASP B 48 14.50 -5.98 -5.75
CA ASP B 48 15.77 -6.61 -5.45
C ASP B 48 15.82 -8.07 -5.88
N GLY B 49 14.72 -8.64 -6.37
CA GLY B 49 14.69 -10.01 -6.79
C GLY B 49 14.10 -10.97 -5.79
N SER B 50 13.92 -10.56 -4.55
CA SER B 50 13.22 -11.41 -3.60
C SER B 50 11.73 -11.41 -3.90
N THR B 51 11.01 -12.29 -3.20
CA THR B 51 9.58 -12.46 -3.41
C THR B 51 8.89 -12.54 -2.04
N ASP B 52 7.70 -11.94 -1.94
CA ASP B 52 6.88 -12.05 -0.74
C ASP B 52 5.82 -13.14 -0.95
N TYR B 53 5.56 -13.92 0.11
CA TYR B 53 4.67 -15.08 0.02
C TYR B 53 3.63 -15.06 1.11
N GLY B 54 2.39 -15.38 0.74
CA GLY B 54 1.36 -15.72 1.71
C GLY B 54 0.47 -14.57 2.15
N ILE B 55 -0.39 -14.89 3.12
CA ILE B 55 -1.33 -13.92 3.66
C ILE B 55 -0.62 -12.71 4.24
N LEU B 56 0.57 -12.92 4.82
CA LEU B 56 1.33 -11.83 5.42
C LEU B 56 2.54 -11.44 4.58
N GLN B 57 2.65 -11.94 3.35
CA GLN B 57 3.67 -11.49 2.39
C GLN B 57 5.07 -11.52 3.00
N ILE B 58 5.44 -12.68 3.54
CA ILE B 58 6.73 -12.89 4.18
C ILE B 58 7.81 -13.03 3.11
N ASN B 59 8.95 -12.35 3.31
CA ASN B 59 9.93 -12.11 2.25
C ASN B 59 11.05 -13.14 2.25
N SER B 60 11.41 -13.58 1.04
CA SER B 60 12.45 -14.60 0.87
C SER B 60 13.84 -14.06 1.14
N ARG B 61 14.02 -12.74 1.19
CA ARG B 61 15.32 -12.18 1.52
C ARG B 61 15.84 -12.70 2.85
N TRP B 62 14.95 -13.01 3.78
CA TRP B 62 15.36 -13.34 5.15
C TRP B 62 14.70 -14.60 5.69
N TRP B 63 13.44 -14.84 5.39
CA TRP B 63 12.60 -15.67 6.23
C TRP B 63 12.30 -17.04 5.66
N CYS B 64 12.43 -17.23 4.36
CA CYS B 64 12.09 -18.51 3.76
C CYS B 64 13.02 -18.76 2.57
N ASN B 65 13.09 -20.02 2.17
CA ASN B 65 13.88 -20.44 1.03
C ASN B 65 12.98 -20.68 -0.18
N ASP B 66 13.30 -20.02 -1.29
CA ASP B 66 12.65 -20.32 -2.56
C ASP B 66 13.64 -20.70 -3.67
N GLY B 67 14.93 -20.79 -3.36
CA GLY B 67 15.94 -21.20 -4.32
C GLY B 67 16.21 -20.21 -5.43
N ARG B 68 15.71 -18.98 -5.34
CA ARG B 68 15.94 -18.01 -6.40
C ARG B 68 16.25 -16.62 -5.84
N THR B 69 16.70 -16.52 -4.59
CA THR B 69 17.07 -15.25 -3.97
C THR B 69 18.51 -15.37 -3.47
N PRO B 70 19.49 -15.11 -4.33
CA PRO B 70 20.89 -15.35 -3.96
C PRO B 70 21.32 -14.51 -2.77
N GLY B 71 22.02 -15.15 -1.84
CA GLY B 71 22.53 -14.46 -0.67
C GLY B 71 21.53 -14.21 0.42
N SER B 72 20.33 -14.77 0.32
CA SER B 72 19.31 -14.58 1.33
C SER B 72 19.43 -15.66 2.40
N ARG B 73 18.67 -15.46 3.48
CA ARG B 73 18.61 -16.39 4.59
C ARG B 73 17.28 -17.13 4.57
N ASN B 74 17.12 -18.05 5.52
CA ASN B 74 15.93 -18.86 5.67
C ASN B 74 15.64 -18.99 7.18
N LEU B 75 15.41 -17.84 7.83
CA LEU B 75 15.35 -17.81 9.29
C LEU B 75 14.16 -18.56 9.85
N CYS B 76 13.08 -18.66 9.09
CA CYS B 76 11.97 -19.49 9.54
C CYS B 76 12.16 -20.97 9.19
N ASN B 77 13.21 -21.29 8.44
CA ASN B 77 13.56 -22.66 8.07
C ASN B 77 12.38 -23.39 7.43
N ILE B 78 11.81 -22.74 6.42
CA ILE B 78 10.73 -23.36 5.63
C ILE B 78 10.95 -23.02 4.17
N PRO B 79 10.44 -23.86 3.29
CA PRO B 79 10.29 -23.43 1.89
C PRO B 79 9.21 -22.34 1.81
N CYS B 80 9.48 -21.32 0.99
CA CYS B 80 8.50 -20.25 0.86
C CYS B 80 7.13 -20.78 0.43
N SER B 81 7.09 -21.87 -0.33
CA SER B 81 5.82 -22.45 -0.74
C SER B 81 4.96 -22.85 0.45
N ALA B 82 5.57 -23.16 1.59
CA ALA B 82 4.78 -23.48 2.77
C ALA B 82 3.91 -22.30 3.21
N LEU B 83 4.34 -21.09 2.90
CA LEU B 83 3.58 -19.89 3.24
C LEU B 83 2.36 -19.68 2.34
N LEU B 84 2.15 -20.51 1.33
CA LEU B 84 1.02 -20.36 0.42
C LEU B 84 -0.10 -21.36 0.68
N SER B 85 0.03 -22.22 1.69
CA SER B 85 -0.98 -23.22 1.97
C SER B 85 -2.25 -22.57 2.52
N SER B 86 -3.36 -23.31 2.40
CA SER B 86 -4.60 -22.84 3.01
C SER B 86 -4.52 -22.90 4.53
N ASP B 87 -3.71 -23.81 5.07
CA ASP B 87 -3.42 -23.84 6.50
C ASP B 87 -2.36 -22.78 6.81
N ILE B 88 -2.70 -21.85 7.70
CA ILE B 88 -1.87 -20.68 7.93
C ILE B 88 -0.79 -20.96 8.97
N THR B 89 -0.63 -22.22 9.36
CA THR B 89 0.33 -22.56 10.41
C THR B 89 1.71 -22.00 10.11
N ALA B 90 2.23 -22.26 8.92
CA ALA B 90 3.60 -21.85 8.61
C ALA B 90 3.74 -20.33 8.59
N SER B 91 2.74 -19.63 8.05
CA SER B 91 2.81 -18.16 8.01
C SER B 91 2.74 -17.58 9.41
N VAL B 92 1.91 -18.17 10.28
CA VAL B 92 1.75 -17.65 11.63
C VAL B 92 3.02 -17.86 12.43
N ASN B 93 3.58 -19.07 12.39
CA ASN B 93 4.79 -19.35 13.16
C ASN B 93 5.96 -18.52 12.66
N CYS B 94 6.06 -18.32 11.34
CA CYS B 94 7.11 -17.47 10.82
C CYS B 94 6.91 -16.02 11.23
N ALA B 95 5.65 -15.55 11.19
CA ALA B 95 5.35 -14.17 11.57
C ALA B 95 5.61 -13.93 13.06
N LYS B 96 5.39 -14.95 13.90
CA LYS B 96 5.74 -14.82 15.31
C LYS B 96 7.24 -14.61 15.47
N LYS B 97 8.05 -15.32 14.69
CA LYS B 97 9.48 -15.09 14.73
C LYS B 97 9.82 -13.67 14.25
N ILE B 98 9.22 -13.25 13.14
CA ILE B 98 9.49 -11.92 12.60
C ILE B 98 9.17 -10.84 13.64
N VAL B 99 7.99 -10.93 14.25
CA VAL B 99 7.54 -9.86 15.16
C VAL B 99 8.30 -9.87 16.48
N SER B 100 9.15 -10.87 16.73
CA SER B 100 9.91 -10.98 17.97
C SER B 100 11.38 -10.60 17.83
N ASP B 101 11.81 -10.12 16.65
CA ASP B 101 13.23 -9.92 16.40
C ASP B 101 13.76 -8.57 16.84
N GLY B 102 12.90 -7.56 17.01
CA GLY B 102 13.36 -6.25 17.43
C GLY B 102 12.56 -5.09 16.89
N ASN B 103 12.00 -5.23 15.69
CA ASN B 103 11.24 -4.15 15.05
C ASN B 103 9.73 -4.37 15.11
N GLY B 104 9.26 -5.47 15.68
CA GLY B 104 7.82 -5.65 15.81
C GLY B 104 7.14 -5.68 14.46
N MET B 105 5.88 -5.24 14.44
CA MET B 105 5.16 -5.32 13.17
C MET B 105 5.59 -4.25 12.16
N ASN B 106 6.50 -3.34 12.52
CA ASN B 106 7.04 -2.41 11.55
C ASN B 106 7.72 -3.11 10.39
N ALA B 107 8.07 -4.39 10.57
CA ALA B 107 8.62 -5.17 9.47
C ALA B 107 7.67 -5.24 8.29
N TRP B 108 6.37 -5.11 8.53
CA TRP B 108 5.37 -5.07 7.46
C TRP B 108 5.09 -3.62 7.10
N VAL B 109 5.54 -3.21 5.92
CA VAL B 109 5.38 -1.82 5.49
C VAL B 109 3.90 -1.44 5.47
N ALA B 110 3.06 -2.35 4.97
CA ALA B 110 1.63 -2.05 4.87
C ALA B 110 1.00 -1.86 6.25
N TRP B 111 1.44 -2.64 7.23
CA TRP B 111 0.96 -2.41 8.59
C TRP B 111 1.35 -1.02 9.07
N ARG B 112 2.61 -0.63 8.87
CA ARG B 112 3.06 0.66 9.37
C ARG B 112 2.30 1.81 8.73
N ASN B 113 2.02 1.72 7.44
CA ASN B 113 1.41 2.81 6.69
C ASN B 113 -0.11 2.81 6.73
N ARG B 114 -0.73 1.67 6.97
CA ARG B 114 -2.18 1.55 6.80
C ARG B 114 -2.91 0.98 8.01
N CYS B 115 -2.20 0.42 8.99
CA CYS B 115 -2.80 -0.14 10.19
C CYS B 115 -2.33 0.55 11.47
N LYS B 116 -1.04 0.80 11.60
CA LYS B 116 -0.51 1.40 12.80
C LYS B 116 -1.25 2.69 13.14
N GLY B 117 -1.63 2.83 14.42
CA GLY B 117 -2.29 4.04 14.85
C GLY B 117 -3.69 4.23 14.33
N THR B 118 -4.26 3.26 13.62
CA THR B 118 -5.66 3.31 13.25
C THR B 118 -6.48 2.50 14.23
N ASP B 119 -7.80 2.53 14.04
CA ASP B 119 -8.72 1.75 14.86
C ASP B 119 -8.76 0.33 14.31
N VAL B 120 -7.74 -0.45 14.66
CA VAL B 120 -7.65 -1.82 14.17
C VAL B 120 -8.69 -2.74 14.78
N GLN B 121 -9.33 -2.34 15.87
CA GLN B 121 -10.41 -3.15 16.41
C GLN B 121 -11.56 -3.29 15.43
N ALA B 122 -11.75 -2.30 14.55
CA ALA B 122 -12.81 -2.40 13.55
C ALA B 122 -12.65 -3.63 12.67
N TRP B 123 -11.42 -4.13 12.51
CA TRP B 123 -11.17 -5.27 11.64
C TRP B 123 -11.74 -6.57 12.20
N ILE B 124 -12.06 -6.63 13.50
CA ILE B 124 -12.62 -7.83 14.09
C ILE B 124 -14.00 -7.59 14.69
N ARG B 125 -14.56 -6.40 14.53
CA ARG B 125 -15.91 -6.14 15.01
C ARG B 125 -16.89 -7.09 14.34
N GLY B 126 -17.81 -7.63 15.13
CA GLY B 126 -18.83 -8.53 14.63
C GLY B 126 -18.40 -9.95 14.40
N CYS B 127 -17.13 -10.27 14.63
CA CYS B 127 -16.61 -11.61 14.38
C CYS B 127 -16.76 -12.48 15.61
N ARG B 128 -17.32 -13.68 15.44
CA ARG B 128 -17.20 -14.71 16.46
C ARG B 128 -15.85 -15.38 16.28
N LEU B 129 -14.97 -15.21 17.26
CA LEU B 129 -13.62 -15.74 17.16
C LEU B 129 -13.55 -17.16 17.68
RE RE C . -10.61 9.88 -23.90
RE RE D . -9.59 7.37 -22.11
CL CL E . 1.95 0.75 2.29
CL CL F . 13.87 24.63 -8.50
NA NA G . 11.81 20.62 -7.27
C ACT H . 3.25 14.63 -2.73
O ACT H . 4.05 15.14 -3.56
OXT ACT H . 2.16 14.07 -2.92
CH3 ACT H . 3.73 14.72 -1.24
RE RE I . -4.11 19.39 -1.18
RE RE J . -19.15 -0.77 -0.29
RE RE K . -9.39 -3.58 -9.47
RE RE L . 0.59 19.93 -0.54
RE RE M . -12.93 -6.54 -15.64
O1 QEB N . -17.88 -5.84 -13.35
O16 QEB N . -16.36 -7.83 -12.79
O3 QEB N . -15.66 -5.40 -12.07
O5 QEB N . -15.61 -6.11 -14.59
RE1 QEB N . -16.44 -4.29 -13.76
RE2 QEB N . -14.41 -6.93 -12.97
RE3 QEB N . -17.30 -7.44 -14.71
RE4 QEB N . -17.36 -6.53 -11.36
O1 QEB O . -19.26 12.93 -3.25
O16 QEB O . -19.83 10.40 -2.85
O3 QEB O . -19.20 11.97 -0.80
O5 QEB O . -17.40 11.27 -2.60
RE1 QEB O . -17.72 13.23 -1.76
RE2 QEB O . -18.47 9.99 -1.21
RE3 QEB O . -18.58 11.23 -4.41
RE4 QEB O . -20.91 12.11 -2.09
O1 QEB P . 14.38 4.61 -3.49
O16 QEB P . 13.88 3.03 -5.51
O3 QEB P . 14.52 5.52 -5.95
O5 QEB P . 12.20 4.91 -4.85
RE1 QEB P . 13.58 6.47 -4.23
RE2 QEB P . 12.89 4.39 -6.84
RE3 QEB P . 12.74 3.19 -3.67
RE4 QEB P . 15.77 4.01 -5.06
O1 QEB Q . 16.76 21.22 0.99
O16 QEB Q . 15.93 19.60 2.78
O3 QEB Q . 17.79 21.32 3.50
O5 QEB Q . 18.34 19.29 1.82
RE1 QEB Q . 18.83 21.36 1.53
RE2 QEB Q . 17.72 19.18 3.89
RE3 QEB Q . 16.48 19.09 0.75
RE4 QEB Q . 15.77 21.77 2.86
O1 QEB R . 13.27 29.38 -0.51
O16 QEB R . 11.48 27.50 -0.14
O3 QEB R . 13.83 27.21 0.91
O5 QEB R . 13.46 27.10 -1.68
RE1 QEB R . 15.04 28.16 -0.64
RE2 QEB R . 12.70 25.73 -0.19
RE3 QEB R . 11.91 28.55 -1.99
RE4 QEB R . 12.40 28.75 1.38
O1 QEB S . 4.34 9.99 9.76
O16 QEB S . 2.28 9.07 11.04
O3 QEB S . 4.61 9.09 12.23
O5 QEB S . 4.16 7.44 10.26
RE1 QEB S . 5.91 8.71 10.52
RE2 QEB S . 3.17 7.48 12.19
RE3 QEB S . 2.84 8.61 9.01
RE4 QEB S . 3.46 10.80 11.58
C4 RRE T . -3.83 8.74 -20.40
C5 RRE T . -4.29 7.58 -22.73
C6 RRE T . -5.10 6.54 -20.48
O11 RRE T . -1.39 7.46 -21.84
O12 RRE T . -2.83 5.08 -21.82
O4 RRE T . -4.11 9.76 -19.91
O5 RRE T . -4.84 7.90 -23.70
O6 RRE T . -6.12 6.21 -20.06
RE1 RRE T . -3.41 7.07 -21.14
RE RE U . -12.38 -19.89 17.80
RE RE V . -13.79 1.77 16.93
RE RE W . 16.12 -13.76 15.47
RE RE X . 6.94 -6.64 0.57
CL CL Y . 6.84 -4.24 19.58
CL CL Z . 17.79 -18.86 -2.44
NA NA AA . 15.60 -17.08 1.40
RE RE BA . 11.28 -7.92 5.55
RE RE CA . 25.35 -10.72 1.70
C4 RRE DA . -5.64 -22.38 10.35
C5 RRE DA . -6.61 -24.42 10.18
C6 RRE DA . -7.25 -22.81 12.31
O11 RRE DA . -3.83 -24.71 11.23
O12 RRE DA . -5.75 -25.40 13.04
O4 RRE DA . -5.67 -21.60 9.48
O5 RRE DA . -7.12 -24.79 9.20
O6 RRE DA . -8.17 -22.24 12.73
RE1 RRE DA . -5.70 -23.71 11.67
C ACT EA . 8.65 -9.53 5.80
O ACT EA . 9.07 -8.75 6.70
OXT ACT EA . 9.20 -10.60 5.36
CH3 ACT EA . 7.32 -9.12 5.14
H1 ACT EA . 6.67 -8.89 5.84
H2 ACT EA . 6.97 -9.85 4.61
H3 ACT EA . 7.46 -8.35 4.58
#